data_7ZKZ
#
_entry.id   7ZKZ
#
_cell.length_a   210.281
_cell.length_b   77.457
_cell.length_c   46.303
_cell.angle_alpha   90.000
_cell.angle_beta   93.250
_cell.angle_gamma   90.000
#
_symmetry.space_group_name_H-M   'C 1 2 1'
#
loop_
_entity.id
_entity.type
_entity.pdbx_description
1 polymer 'Cystinosin homolog'
2 polymer 'Llama nanobody'
3 polymer nanobody
4 water water
#
loop_
_entity_poly.entity_id
_entity_poly.type
_entity_poly.pdbx_seq_one_letter_code
_entity_poly.pdbx_strand_id
1 'polypeptide(L)'
;MASWNSIPLEISYEIVGWIAFASWSISFYPQLILNFRRRSVVGLNFDFVMLNLTKHSSYMIYNVCLYFSPVIQKQYFDTY
GDKEMIPVAANDVAFSIHAVVMTAVTLFQIFIYERGPQKVSRLAIGIVVVVWGFAAICFFIALPTHSWLWLISIFNSIQV
FMTCVKYIPQAKMNFTRKSTVGWSIGNILLDFTGGLANYLQMVIQSIDQNSWKNFYGNMGKTLLSLISIFFDILFMFQHY
VLYPEKKVSKSPETGEESNEPLIDSSHEHVGENLYFQ
;
A
2 'polypeptide(L)'
;QVQLVESGGGLVQAGGSLRLSCAASGRTITPISTYVMGWFRQDPGKEREFVASISWNGANTYYADSVKGRFTISRDNAKN
TVYLQMNSLKPEDTAVYYCAADPESHVRLRLGVGAYWGRGTQVTVSSA
;
B
3 'polypeptide(L)'
;QVQLVESGGGSAQPGGSLRLSCAVSGSVSELNTMGWFRQAPGKQRELVARITATSDATNYADSVKGRFTISRDNGWNTVY
LQSNSLKPEDSAVYYCNVEGAPSWFSGIRSYWGQGTQVTVSSA
;
C
#
# COMPACT_ATOMS: atom_id res chain seq x y z
N ALA A 2 -2.98 -23.23 -7.60
CA ALA A 2 -1.72 -23.44 -8.34
C ALA A 2 -0.53 -23.09 -7.50
N SER A 3 0.56 -23.86 -7.64
CA SER A 3 1.75 -23.66 -6.85
C SER A 3 2.91 -23.10 -7.65
N TRP A 4 3.91 -22.57 -6.96
CA TRP A 4 5.12 -22.02 -7.57
C TRP A 4 5.98 -23.13 -8.14
N ASN A 5 6.55 -22.88 -9.31
CA ASN A 5 7.41 -23.80 -10.02
C ASN A 5 8.83 -23.57 -9.60
N SER A 6 9.29 -22.31 -9.67
CA SER A 6 10.65 -21.97 -9.32
C SER A 6 10.77 -21.45 -7.87
N ILE A 7 11.76 -21.97 -7.12
CA ILE A 7 12.05 -21.53 -5.76
C ILE A 7 12.60 -20.07 -5.77
N PRO A 8 13.65 -19.74 -6.58
CA PRO A 8 14.11 -18.34 -6.63
C PRO A 8 13.07 -17.33 -7.08
N LEU A 9 12.17 -17.69 -8.02
CA LEU A 9 11.13 -16.77 -8.46
C LEU A 9 10.09 -16.55 -7.36
N GLU A 10 9.81 -17.56 -6.56
CA GLU A 10 8.88 -17.42 -5.46
C GLU A 10 9.45 -16.51 -4.39
N ILE A 11 10.76 -16.61 -4.13
CA ILE A 11 11.44 -15.79 -3.13
C ILE A 11 11.53 -14.36 -3.62
N SER A 12 11.86 -14.17 -4.92
CA SER A 12 11.89 -12.83 -5.55
C SER A 12 10.52 -12.14 -5.38
N TYR A 13 9.43 -12.85 -5.72
CA TYR A 13 8.06 -12.37 -5.63
C TYR A 13 7.72 -11.98 -4.18
N GLU A 14 8.26 -12.70 -3.18
CA GLU A 14 7.98 -12.38 -1.78
C GLU A 14 8.79 -11.14 -1.32
N ILE A 15 10.04 -11.03 -1.78
CA ILE A 15 10.87 -9.89 -1.43
C ILE A 15 10.34 -8.60 -2.06
N VAL A 16 9.98 -8.62 -3.36
CA VAL A 16 9.43 -7.43 -4.01
C VAL A 16 8.06 -7.03 -3.42
N GLY A 17 7.29 -8.02 -2.97
CA GLY A 17 6.00 -7.77 -2.37
C GLY A 17 6.11 -7.05 -1.04
N TRP A 18 6.98 -7.54 -0.16
CA TRP A 18 7.17 -6.91 1.14
C TRP A 18 7.93 -5.58 1.05
N ILE A 19 8.64 -5.32 -0.07
CA ILE A 19 9.26 -4.03 -0.30
C ILE A 19 8.11 -3.07 -0.67
N ALA A 20 7.23 -3.46 -1.60
CA ALA A 20 6.01 -2.72 -1.94
C ALA A 20 5.16 -2.41 -0.70
N PHE A 21 4.98 -3.41 0.21
CA PHE A 21 4.26 -3.19 1.45
C PHE A 21 4.93 -2.07 2.28
N ALA A 22 6.23 -2.18 2.54
CA ALA A 22 6.94 -1.23 3.36
C ALA A 22 7.03 0.18 2.79
N SER A 23 7.41 0.35 1.52
CA SER A 23 7.52 1.67 0.92
C SER A 23 6.21 2.46 0.91
N TRP A 24 5.07 1.75 0.90
CA TRP A 24 3.74 2.35 0.89
C TRP A 24 3.06 2.41 2.25
N SER A 25 3.58 1.70 3.26
CA SER A 25 2.98 1.72 4.58
C SER A 25 3.71 2.66 5.55
N ILE A 26 5.00 2.88 5.32
CA ILE A 26 5.83 3.71 6.19
C ILE A 26 5.42 5.21 6.11
N SER A 27 4.88 5.62 4.96
CA SER A 27 4.46 7.00 4.72
C SER A 27 3.23 7.46 5.53
N PHE A 28 2.53 6.53 6.21
CA PHE A 28 1.36 6.88 7.02
C PHE A 28 1.71 7.47 8.39
N TYR A 29 2.85 7.11 8.92
CA TYR A 29 3.24 7.51 10.27
C TYR A 29 3.70 8.96 10.44
N PRO A 30 4.49 9.58 9.53
CA PRO A 30 4.94 10.97 9.79
C PRO A 30 3.80 11.96 10.11
N GLN A 31 2.70 11.96 9.34
CA GLN A 31 1.58 12.86 9.60
C GLN A 31 0.90 12.49 10.91
N LEU A 32 0.57 11.20 11.10
CA LEU A 32 -0.09 10.70 12.31
C LEU A 32 0.65 11.07 13.61
N ILE A 33 1.99 11.04 13.59
CA ILE A 33 2.79 11.39 14.76
C ILE A 33 2.77 12.90 15.01
N LEU A 34 2.87 13.69 13.93
CA LEU A 34 2.85 15.14 14.00
C LEU A 34 1.51 15.63 14.56
N ASN A 35 0.41 15.02 14.13
CA ASN A 35 -0.94 15.38 14.55
C ASN A 35 -1.20 15.13 16.02
N PHE A 36 -0.74 13.98 16.52
CA PHE A 36 -0.87 13.64 17.94
C PHE A 36 -0.03 14.62 18.80
N ARG A 37 1.19 14.94 18.35
CA ARG A 37 2.06 15.88 19.08
C ARG A 37 1.47 17.28 19.07
N ARG A 38 0.89 17.70 17.95
CA ARG A 38 0.27 19.02 17.83
C ARG A 38 -1.10 19.10 18.50
N ARG A 39 -1.80 17.96 18.63
CA ARG A 39 -3.16 17.85 19.15
C ARG A 39 -4.08 18.66 18.21
N SER A 40 -3.87 18.47 16.89
CA SER A 40 -4.57 19.18 15.82
C SER A 40 -4.29 18.55 14.44
N VAL A 41 -5.25 18.73 13.53
CA VAL A 41 -5.22 18.30 12.14
C VAL A 41 -5.14 19.49 11.17
N VAL A 42 -4.77 20.71 11.62
CA VAL A 42 -4.65 21.86 10.71
C VAL A 42 -3.47 21.61 9.73
N GLY A 43 -3.76 21.63 8.44
CA GLY A 43 -2.77 21.38 7.40
C GLY A 43 -3.04 20.14 6.58
N LEU A 44 -3.92 19.25 7.08
CA LEU A 44 -4.33 18.00 6.47
C LEU A 44 -5.51 18.28 5.53
N ASN A 45 -5.55 17.68 4.32
CA ASN A 45 -6.70 17.88 3.43
C ASN A 45 -7.79 16.91 3.83
N PHE A 46 -8.95 17.42 4.33
CA PHE A 46 -10.09 16.58 4.76
C PHE A 46 -10.75 15.81 3.61
N ASP A 47 -10.70 16.36 2.38
CA ASP A 47 -11.27 15.67 1.21
C ASP A 47 -10.48 14.44 0.93
N PHE A 48 -9.15 14.58 0.93
CA PHE A 48 -8.22 13.51 0.68
C PHE A 48 -8.39 12.41 1.73
N VAL A 49 -8.58 12.75 3.03
CA VAL A 49 -8.81 11.71 4.05
C VAL A 49 -10.06 10.88 3.70
N MET A 50 -11.16 11.55 3.26
CA MET A 50 -12.39 10.84 2.90
C MET A 50 -12.27 9.99 1.63
N LEU A 51 -11.65 10.54 0.59
CA LEU A 51 -11.42 9.87 -0.68
C LEU A 51 -10.51 8.64 -0.44
N ASN A 52 -9.48 8.78 0.42
CA ASN A 52 -8.61 7.65 0.73
C ASN A 52 -9.27 6.58 1.57
N LEU A 53 -10.22 6.93 2.44
CA LEU A 53 -10.94 5.90 3.20
C LEU A 53 -11.83 5.08 2.25
N THR A 54 -12.37 5.72 1.21
CA THR A 54 -13.18 5.06 0.21
C THR A 54 -12.32 4.09 -0.58
N LYS A 55 -11.13 4.55 -1.00
CA LYS A 55 -10.17 3.79 -1.80
C LYS A 55 -9.60 2.63 -1.04
N HIS A 56 -9.13 2.87 0.20
CA HIS A 56 -8.49 1.82 0.98
C HIS A 56 -9.45 0.75 1.45
N SER A 57 -10.72 1.11 1.80
CA SER A 57 -11.73 0.12 2.21
C SER A 57 -12.13 -0.75 1.01
N SER A 58 -12.22 -0.14 -0.20
CA SER A 58 -12.62 -0.84 -1.42
C SER A 58 -11.59 -1.88 -1.84
N TYR A 59 -10.31 -1.51 -1.80
CA TYR A 59 -9.19 -2.39 -2.14
C TYR A 59 -9.11 -3.46 -1.07
N MET A 60 -9.29 -3.09 0.23
CA MET A 60 -9.25 -4.05 1.32
C MET A 60 -10.34 -5.12 1.16
N ILE A 61 -11.54 -4.75 0.74
CA ILE A 61 -12.61 -5.71 0.51
C ILE A 61 -12.19 -6.75 -0.54
N TYR A 62 -11.63 -6.28 -1.65
CA TYR A 62 -11.20 -7.16 -2.71
C TYR A 62 -10.09 -8.07 -2.26
N ASN A 63 -9.06 -7.52 -1.59
CA ASN A 63 -7.90 -8.31 -1.17
C ASN A 63 -8.24 -9.34 -0.08
N VAL A 64 -8.93 -8.94 1.00
CA VAL A 64 -9.26 -9.88 2.07
C VAL A 64 -10.14 -11.01 1.58
N CYS A 65 -11.20 -10.71 0.79
CA CYS A 65 -12.16 -11.68 0.25
C CYS A 65 -11.56 -12.70 -0.71
N LEU A 66 -10.82 -12.21 -1.72
CA LEU A 66 -10.20 -13.09 -2.68
C LEU A 66 -9.05 -13.87 -2.05
N TYR A 67 -8.35 -13.31 -1.04
CA TYR A 67 -7.27 -14.02 -0.38
C TYR A 67 -7.76 -15.11 0.55
N PHE A 68 -8.83 -14.88 1.31
CA PHE A 68 -9.25 -15.82 2.34
C PHE A 68 -10.49 -16.70 2.05
N SER A 69 -11.34 -16.36 1.06
CA SER A 69 -12.56 -17.11 0.84
C SER A 69 -12.41 -18.23 -0.19
N PRO A 70 -12.52 -19.51 0.26
CA PRO A 70 -12.47 -20.62 -0.69
C PRO A 70 -13.56 -20.52 -1.74
N VAL A 71 -14.76 -20.04 -1.34
CA VAL A 71 -15.95 -19.80 -2.15
C VAL A 71 -15.66 -18.80 -3.30
N ILE A 72 -15.06 -17.64 -2.99
CA ILE A 72 -14.74 -16.61 -3.99
C ILE A 72 -13.56 -17.04 -4.87
N GLN A 73 -12.60 -17.77 -4.29
CA GLN A 73 -11.48 -18.36 -4.99
C GLN A 73 -12.00 -19.37 -6.01
N LYS A 74 -13.00 -20.19 -5.67
CA LYS A 74 -13.62 -21.12 -6.63
C LYS A 74 -14.29 -20.36 -7.78
N GLN A 75 -14.94 -19.21 -7.48
CA GLN A 75 -15.54 -18.38 -8.52
C GLN A 75 -14.43 -17.83 -9.46
N TYR A 76 -13.26 -17.51 -8.90
CA TYR A 76 -12.13 -17.02 -9.66
C TYR A 76 -11.67 -18.09 -10.64
N PHE A 77 -11.52 -19.33 -10.15
CA PHE A 77 -11.14 -20.50 -10.93
C PHE A 77 -12.18 -20.83 -12.00
N ASP A 78 -13.47 -20.65 -11.69
CA ASP A 78 -14.53 -20.88 -12.66
C ASP A 78 -14.50 -19.86 -13.82
N THR A 79 -13.87 -18.69 -13.62
CA THR A 79 -13.84 -17.59 -14.58
C THR A 79 -12.53 -17.48 -15.38
N TYR A 80 -11.37 -17.60 -14.70
CA TYR A 80 -10.08 -17.45 -15.38
C TYR A 80 -9.33 -18.76 -15.63
N GLY A 81 -9.74 -19.83 -14.96
CA GLY A 81 -9.11 -21.13 -15.12
C GLY A 81 -8.81 -21.75 -13.77
N ASP A 82 -9.00 -23.10 -13.67
CA ASP A 82 -8.73 -23.78 -12.42
C ASP A 82 -7.24 -24.04 -12.18
N LYS A 83 -6.38 -23.83 -13.19
CA LYS A 83 -4.93 -23.97 -12.98
C LYS A 83 -4.23 -22.59 -12.70
N GLU A 84 -5.05 -21.53 -12.50
CA GLU A 84 -4.57 -20.18 -12.22
C GLU A 84 -4.16 -19.98 -10.76
N MET A 85 -3.17 -19.14 -10.56
CA MET A 85 -2.73 -18.79 -9.21
C MET A 85 -3.54 -17.54 -8.77
N ILE A 86 -4.04 -17.51 -7.52
CA ILE A 86 -4.75 -16.33 -7.01
C ILE A 86 -3.83 -15.08 -7.08
N PRO A 87 -4.32 -13.98 -7.69
CA PRO A 87 -3.46 -12.81 -7.92
C PRO A 87 -3.40 -11.81 -6.77
N VAL A 88 -3.68 -12.27 -5.53
CA VAL A 88 -3.62 -11.43 -4.35
C VAL A 88 -2.55 -12.02 -3.43
N ALA A 89 -1.50 -11.26 -3.13
CA ALA A 89 -0.44 -11.73 -2.24
C ALA A 89 -0.71 -11.35 -0.78
N ALA A 90 -0.03 -12.00 0.18
CA ALA A 90 -0.15 -11.65 1.59
C ALA A 90 0.20 -10.17 1.85
N ASN A 91 1.17 -9.62 1.08
CA ASN A 91 1.56 -8.21 1.24
C ASN A 91 0.45 -7.25 0.80
N ASP A 92 -0.42 -7.67 -0.14
CA ASP A 92 -1.55 -6.87 -0.61
C ASP A 92 -2.60 -6.78 0.51
N VAL A 93 -2.91 -7.92 1.11
CA VAL A 93 -3.79 -8.03 2.26
C VAL A 93 -3.23 -7.16 3.42
N ALA A 94 -1.92 -7.29 3.75
CA ALA A 94 -1.28 -6.56 4.84
C ALA A 94 -1.30 -5.06 4.55
N PHE A 95 -0.98 -4.65 3.32
CA PHE A 95 -1.02 -3.25 2.94
C PHE A 95 -2.43 -2.65 3.17
N SER A 96 -3.49 -3.33 2.67
CA SER A 96 -4.89 -2.92 2.72
C SER A 96 -5.41 -2.75 4.15
N ILE A 97 -5.26 -3.76 5.00
CA ILE A 97 -5.73 -3.70 6.38
C ILE A 97 -5.00 -2.57 7.11
N HIS A 98 -3.65 -2.48 6.94
CA HIS A 98 -2.84 -1.41 7.55
C HIS A 98 -3.30 -0.01 7.10
N ALA A 99 -3.54 0.17 5.79
CA ALA A 99 -3.99 1.44 5.20
C ALA A 99 -5.40 1.83 5.69
N VAL A 100 -6.27 0.86 6.04
CA VAL A 100 -7.60 1.17 6.56
C VAL A 100 -7.46 1.59 8.02
N VAL A 101 -6.64 0.87 8.81
CA VAL A 101 -6.42 1.21 10.22
C VAL A 101 -5.80 2.60 10.33
N MET A 102 -4.79 2.89 9.50
CA MET A 102 -4.13 4.19 9.52
C MET A 102 -5.07 5.30 9.17
N THR A 103 -5.87 5.13 8.12
CA THR A 103 -6.87 6.11 7.70
C THR A 103 -7.96 6.30 8.78
N ALA A 104 -8.36 5.21 9.44
CA ALA A 104 -9.34 5.27 10.53
C ALA A 104 -8.78 6.03 11.75
N VAL A 105 -7.48 5.89 12.02
CA VAL A 105 -6.85 6.62 13.12
C VAL A 105 -6.87 8.12 12.79
N THR A 106 -6.56 8.46 11.51
CA THR A 106 -6.57 9.85 10.99
C THR A 106 -7.95 10.47 11.20
N LEU A 107 -9.03 9.75 10.86
CA LEU A 107 -10.40 10.19 11.03
C LEU A 107 -10.73 10.45 12.49
N PHE A 108 -10.30 9.56 13.39
CA PHE A 108 -10.51 9.72 14.82
C PHE A 108 -9.76 10.97 15.33
N GLN A 109 -8.57 11.26 14.77
CA GLN A 109 -7.77 12.44 15.11
C GLN A 109 -8.49 13.69 14.61
N ILE A 110 -9.09 13.65 13.39
CA ILE A 110 -9.85 14.77 12.83
C ILE A 110 -11.05 15.08 13.75
N PHE A 111 -11.70 14.04 14.29
CA PHE A 111 -12.84 14.16 15.18
C PHE A 111 -12.47 14.75 16.56
N ILE A 112 -11.37 14.27 17.19
CA ILE A 112 -11.03 14.75 18.53
C ILE A 112 -10.21 16.05 18.53
N TYR A 113 -9.30 16.21 17.58
CA TYR A 113 -8.36 17.31 17.56
C TYR A 113 -8.91 18.62 16.98
N GLU A 114 -8.14 19.72 17.16
CA GLU A 114 -8.44 21.07 16.69
C GLU A 114 -8.50 21.05 15.18
N ARG A 115 -9.64 21.46 14.60
CA ARG A 115 -9.83 21.42 13.16
C ARG A 115 -9.57 22.76 12.47
N GLY A 116 -9.73 23.86 13.19
CA GLY A 116 -9.55 25.18 12.60
C GLY A 116 -10.67 25.45 11.61
N PRO A 117 -10.37 26.13 10.48
CA PRO A 117 -11.42 26.42 9.51
C PRO A 117 -11.56 25.35 8.42
N GLN A 118 -11.22 24.09 8.73
CA GLN A 118 -11.24 23.03 7.74
C GLN A 118 -12.54 22.28 7.73
N LYS A 119 -12.94 21.83 6.55
CA LYS A 119 -14.22 21.21 6.35
C LYS A 119 -14.20 20.50 4.99
N VAL A 120 -14.73 19.26 4.92
CA VAL A 120 -14.84 18.51 3.67
C VAL A 120 -15.69 19.29 2.66
N SER A 121 -15.23 19.39 1.41
CA SER A 121 -15.96 20.16 0.40
C SER A 121 -17.19 19.40 -0.11
N ARG A 122 -18.18 20.14 -0.62
CA ARG A 122 -19.39 19.60 -1.19
C ARG A 122 -19.08 18.65 -2.34
N LEU A 123 -18.08 19.00 -3.15
CA LEU A 123 -17.70 18.18 -4.28
C LEU A 123 -17.15 16.85 -3.81
N ALA A 124 -16.37 16.81 -2.71
CA ALA A 124 -15.82 15.57 -2.15
C ALA A 124 -16.90 14.72 -1.50
N ILE A 125 -17.81 15.36 -0.71
CA ILE A 125 -18.93 14.63 -0.08
C ILE A 125 -19.80 13.99 -1.16
N GLY A 126 -20.05 14.73 -2.24
CA GLY A 126 -20.82 14.26 -3.39
C GLY A 126 -20.21 13.08 -4.12
N ILE A 127 -18.86 13.06 -4.29
CA ILE A 127 -18.13 11.96 -4.93
C ILE A 127 -18.30 10.70 -4.04
N VAL A 128 -18.02 10.85 -2.75
CA VAL A 128 -18.11 9.77 -1.79
C VAL A 128 -19.55 9.21 -1.67
N VAL A 129 -20.57 10.05 -1.51
CA VAL A 129 -21.96 9.61 -1.42
C VAL A 129 -22.38 8.78 -2.66
N VAL A 130 -22.07 9.28 -3.87
CA VAL A 130 -22.36 8.66 -5.17
C VAL A 130 -21.62 7.31 -5.32
N VAL A 131 -20.36 7.24 -4.87
CA VAL A 131 -19.56 6.03 -4.97
C VAL A 131 -20.05 4.96 -3.97
N TRP A 132 -20.36 5.36 -2.74
CA TRP A 132 -20.87 4.43 -1.73
C TRP A 132 -22.29 3.94 -2.06
N GLY A 133 -23.10 4.80 -2.66
CA GLY A 133 -24.45 4.47 -3.07
C GLY A 133 -24.43 3.40 -4.15
N PHE A 134 -23.54 3.58 -5.12
CA PHE A 134 -23.34 2.65 -6.22
C PHE A 134 -22.85 1.29 -5.67
N ALA A 135 -21.92 1.32 -4.71
CA ALA A 135 -21.43 0.11 -4.09
C ALA A 135 -22.55 -0.63 -3.32
N ALA A 136 -23.47 0.12 -2.71
CA ALA A 136 -24.60 -0.47 -1.99
C ALA A 136 -25.59 -1.07 -2.99
N ILE A 137 -25.80 -0.42 -4.15
CA ILE A 137 -26.65 -0.94 -5.24
C ILE A 137 -26.10 -2.32 -5.70
N CYS A 138 -24.77 -2.41 -5.81
CA CYS A 138 -24.08 -3.60 -6.26
C CYS A 138 -24.08 -4.70 -5.20
N PHE A 139 -24.02 -4.34 -3.91
CA PHE A 139 -24.12 -5.32 -2.84
C PHE A 139 -25.49 -6.00 -2.89
N PHE A 140 -26.59 -5.22 -3.04
CA PHE A 140 -27.93 -5.79 -3.09
C PHE A 140 -28.25 -6.61 -4.37
N ILE A 141 -27.65 -6.27 -5.54
CA ILE A 141 -27.79 -7.01 -6.79
C ILE A 141 -27.11 -8.39 -6.65
N ALA A 142 -25.93 -8.43 -6.01
CA ALA A 142 -25.12 -9.63 -5.83
C ALA A 142 -25.53 -10.56 -4.68
N LEU A 143 -26.14 -10.00 -3.64
CA LEU A 143 -26.51 -10.75 -2.46
C LEU A 143 -27.39 -12.01 -2.73
N PRO A 144 -28.48 -11.98 -3.55
CA PRO A 144 -29.28 -13.20 -3.73
C PRO A 144 -28.56 -14.32 -4.46
N THR A 145 -27.79 -14.00 -5.50
CA THR A 145 -27.05 -14.99 -6.27
C THR A 145 -25.66 -15.30 -5.75
N HIS A 146 -25.25 -14.67 -4.62
CA HIS A 146 -23.94 -14.82 -4.02
C HIS A 146 -22.83 -14.52 -5.06
N SER A 147 -22.98 -13.42 -5.83
CA SER A 147 -22.03 -13.05 -6.86
C SER A 147 -20.89 -12.26 -6.24
N TRP A 148 -20.09 -12.94 -5.42
CA TRP A 148 -19.04 -12.28 -4.67
C TRP A 148 -17.82 -11.91 -5.49
N LEU A 149 -17.48 -12.69 -6.54
CA LEU A 149 -16.36 -12.30 -7.39
C LEU A 149 -16.70 -11.04 -8.17
N TRP A 150 -17.96 -10.95 -8.66
CA TRP A 150 -18.42 -9.78 -9.40
C TRP A 150 -18.44 -8.54 -8.51
N LEU A 151 -18.92 -8.68 -7.27
CA LEU A 151 -19.01 -7.58 -6.33
C LEU A 151 -17.65 -6.98 -5.94
N ILE A 152 -16.65 -7.83 -5.58
CA ILE A 152 -15.34 -7.35 -5.16
C ILE A 152 -14.53 -6.81 -6.36
N SER A 153 -14.85 -7.25 -7.60
CA SER A 153 -14.29 -6.69 -8.82
C SER A 153 -14.83 -5.29 -9.07
N ILE A 154 -16.05 -4.98 -8.56
CA ILE A 154 -16.61 -3.65 -8.61
C ILE A 154 -15.78 -2.84 -7.58
N PHE A 155 -15.65 -3.33 -6.34
CA PHE A 155 -14.84 -2.70 -5.29
C PHE A 155 -13.43 -2.37 -5.76
N ASN A 156 -12.79 -3.27 -6.52
CA ASN A 156 -11.45 -3.08 -7.09
C ASN A 156 -11.45 -1.98 -8.19
N SER A 157 -12.52 -1.89 -9.01
CA SER A 157 -12.67 -0.83 -10.01
C SER A 157 -12.91 0.52 -9.30
N ILE A 158 -13.58 0.51 -8.12
CA ILE A 158 -13.81 1.73 -7.35
C ILE A 158 -12.45 2.25 -6.87
N GLN A 159 -11.53 1.38 -6.43
CA GLN A 159 -10.21 1.86 -6.03
C GLN A 159 -9.44 2.42 -7.22
N VAL A 160 -9.64 1.87 -8.44
CA VAL A 160 -9.00 2.42 -9.63
C VAL A 160 -9.54 3.82 -9.93
N PHE A 161 -10.84 4.06 -9.69
CA PHE A 161 -11.44 5.36 -9.86
C PHE A 161 -10.83 6.35 -8.83
N MET A 162 -10.76 5.95 -7.56
CA MET A 162 -10.21 6.75 -6.48
C MET A 162 -8.69 6.97 -6.61
N THR A 163 -7.98 6.08 -7.32
CA THR A 163 -6.56 6.21 -7.61
C THR A 163 -6.38 7.30 -8.68
N CYS A 164 -7.28 7.36 -9.67
CA CYS A 164 -7.22 8.39 -10.70
C CYS A 164 -7.45 9.76 -10.07
N VAL A 165 -8.42 9.85 -9.13
CA VAL A 165 -8.75 11.07 -8.35
C VAL A 165 -7.53 11.57 -7.50
N LYS A 166 -6.70 10.65 -7.02
CA LYS A 166 -5.51 11.01 -6.24
C LYS A 166 -4.41 11.66 -7.12
N TYR A 167 -4.16 11.09 -8.30
CA TYR A 167 -3.08 11.56 -9.16
C TYR A 167 -3.43 12.69 -10.14
N ILE A 168 -4.57 12.59 -10.85
CA ILE A 168 -4.97 13.57 -11.86
C ILE A 168 -4.92 15.03 -11.31
N PRO A 169 -5.59 15.41 -10.18
CA PRO A 169 -5.46 16.80 -9.69
C PRO A 169 -4.03 17.15 -9.24
N GLN A 170 -3.31 16.19 -8.62
CA GLN A 170 -1.92 16.36 -8.16
C GLN A 170 -0.95 16.75 -9.30
N ALA A 171 -1.27 16.40 -10.55
CA ALA A 171 -0.45 16.76 -11.71
C ALA A 171 -0.62 18.22 -12.10
N SER A 184 10.09 15.68 -0.06
CA SER A 184 9.51 15.90 -1.38
C SER A 184 9.86 14.77 -2.35
N ILE A 185 11.14 14.59 -2.72
CA ILE A 185 11.54 13.52 -3.64
C ILE A 185 11.52 12.14 -2.94
N GLY A 186 11.87 12.11 -1.65
CA GLY A 186 11.85 10.87 -0.88
C GLY A 186 10.50 10.18 -0.84
N ASN A 187 9.44 10.98 -0.70
CA ASN A 187 8.06 10.46 -0.65
C ASN A 187 7.57 10.02 -2.03
N ILE A 188 8.03 10.70 -3.10
CA ILE A 188 7.74 10.37 -4.50
C ILE A 188 8.47 9.06 -4.87
N LEU A 189 9.72 8.93 -4.41
CA LEU A 189 10.59 7.79 -4.63
C LEU A 189 10.02 6.56 -3.92
N LEU A 190 9.49 6.74 -2.69
CA LEU A 190 8.83 5.68 -1.91
C LEU A 190 7.55 5.23 -2.60
N ASP A 191 6.78 6.19 -3.11
CA ASP A 191 5.53 5.88 -3.79
C ASP A 191 5.81 5.13 -5.11
N PHE A 192 6.84 5.58 -5.84
CA PHE A 192 7.25 4.97 -7.11
C PHE A 192 7.81 3.57 -6.88
N THR A 193 8.56 3.37 -5.78
CA THR A 193 9.14 2.07 -5.43
C THR A 193 8.03 1.05 -5.24
N GLY A 194 7.01 1.38 -4.46
CA GLY A 194 5.88 0.49 -4.20
C GLY A 194 5.03 0.18 -5.42
N GLY A 195 5.01 1.10 -6.38
CA GLY A 195 4.26 0.91 -7.61
C GLY A 195 4.98 -0.08 -8.50
N LEU A 196 6.30 0.10 -8.63
CA LEU A 196 7.20 -0.75 -9.42
C LEU A 196 7.32 -2.14 -8.77
N ALA A 197 7.45 -2.21 -7.44
CA ALA A 197 7.53 -3.44 -6.70
C ALA A 197 6.21 -4.27 -6.79
N ASN A 198 5.04 -3.60 -6.78
CA ASN A 198 3.75 -4.31 -6.93
C ASN A 198 3.55 -4.76 -8.39
N TYR A 199 4.13 -4.02 -9.36
CA TYR A 199 4.01 -4.37 -10.77
C TYR A 199 4.90 -5.57 -11.08
N LEU A 200 6.18 -5.49 -10.66
CA LEU A 200 7.20 -6.53 -10.81
C LEU A 200 6.76 -7.83 -10.16
N GLN A 201 6.00 -7.75 -9.04
CA GLN A 201 5.48 -8.90 -8.35
C GLN A 201 4.54 -9.71 -9.24
N MET A 202 3.69 -9.00 -9.98
CA MET A 202 2.76 -9.62 -10.89
C MET A 202 3.49 -10.22 -12.08
N VAL A 203 4.51 -9.53 -12.59
CA VAL A 203 5.34 -10.03 -13.70
C VAL A 203 5.99 -11.35 -13.34
N ILE A 204 6.68 -11.39 -12.18
CA ILE A 204 7.34 -12.60 -11.66
C ILE A 204 6.36 -13.76 -11.56
N GLN A 205 5.13 -13.50 -11.11
CA GLN A 205 4.14 -14.56 -11.02
C GLN A 205 3.79 -15.10 -12.43
N SER A 206 3.55 -14.20 -13.39
CA SER A 206 3.19 -14.54 -14.75
C SER A 206 4.26 -15.29 -15.47
N ILE A 207 5.52 -14.93 -15.23
CA ILE A 207 6.68 -15.58 -15.83
C ILE A 207 6.73 -17.02 -15.35
N ASP A 208 6.54 -17.22 -14.03
CA ASP A 208 6.64 -18.54 -13.42
C ASP A 208 5.48 -19.43 -13.80
N GLN A 209 4.28 -18.89 -13.82
CA GLN A 209 3.09 -19.69 -14.13
C GLN A 209 2.84 -19.84 -15.62
N ASN A 210 3.52 -19.03 -16.48
CA ASN A 210 3.32 -19.01 -17.92
C ASN A 210 1.84 -18.66 -18.22
N SER A 211 1.38 -17.54 -17.63
CA SER A 211 0.00 -17.05 -17.78
C SER A 211 -0.11 -15.57 -17.40
N TRP A 212 -0.73 -14.75 -18.29
CA TRP A 212 -0.95 -13.32 -17.99
C TRP A 212 -2.33 -13.03 -17.41
N LYS A 213 -3.16 -14.09 -17.16
CA LYS A 213 -4.53 -13.96 -16.65
C LYS A 213 -4.64 -13.22 -15.31
N ASN A 214 -3.60 -13.30 -14.46
CA ASN A 214 -3.53 -12.60 -13.16
C ASN A 214 -3.66 -11.08 -13.32
N PHE A 215 -3.25 -10.53 -14.49
CA PHE A 215 -3.37 -9.12 -14.81
C PHE A 215 -4.82 -8.72 -15.09
N TYR A 216 -5.65 -9.67 -15.54
CA TYR A 216 -7.06 -9.46 -15.83
C TYR A 216 -7.92 -9.74 -14.60
N GLY A 217 -7.60 -10.82 -13.89
CA GLY A 217 -8.27 -11.24 -12.66
C GLY A 217 -8.01 -10.27 -11.53
N ASN A 218 -6.91 -9.51 -11.59
CA ASN A 218 -6.59 -8.44 -10.66
C ASN A 218 -6.23 -7.19 -11.45
N MET A 219 -7.17 -6.70 -12.27
CA MET A 219 -6.98 -5.48 -13.07
C MET A 219 -6.86 -4.24 -12.15
N GLY A 220 -7.38 -4.33 -10.93
CA GLY A 220 -7.22 -3.27 -9.94
C GLY A 220 -5.77 -3.06 -9.57
N LYS A 221 -5.04 -4.14 -9.28
CA LYS A 221 -3.62 -4.03 -8.94
C LYS A 221 -2.80 -3.63 -10.16
N THR A 222 -3.16 -4.16 -11.36
CA THR A 222 -2.47 -3.83 -12.61
C THR A 222 -2.47 -2.32 -12.86
N LEU A 223 -3.68 -1.67 -12.70
CA LEU A 223 -3.90 -0.23 -12.90
C LEU A 223 -3.37 0.60 -11.76
N LEU A 224 -3.61 0.19 -10.49
CA LEU A 224 -3.08 0.89 -9.31
C LEU A 224 -1.55 1.08 -9.43
N SER A 225 -0.82 0.02 -9.83
CA SER A 225 0.62 0.04 -10.00
C SER A 225 1.04 0.95 -11.15
N LEU A 226 0.44 0.77 -12.36
CA LEU A 226 0.79 1.55 -13.55
C LEU A 226 0.41 3.01 -13.46
N ILE A 227 -0.75 3.34 -12.85
CA ILE A 227 -1.16 4.73 -12.64
C ILE A 227 -0.13 5.42 -11.74
N SER A 228 0.32 4.73 -10.69
CA SER A 228 1.35 5.21 -9.77
C SER A 228 2.70 5.42 -10.48
N ILE A 229 3.18 4.41 -11.22
CA ILE A 229 4.44 4.50 -11.96
C ILE A 229 4.41 5.67 -12.95
N PHE A 230 3.46 5.65 -13.90
CA PHE A 230 3.33 6.72 -14.89
C PHE A 230 3.25 8.12 -14.27
N PHE A 231 2.43 8.30 -13.22
CA PHE A 231 2.28 9.62 -12.62
C PHE A 231 3.50 10.04 -11.84
N ASP A 232 4.17 9.13 -11.13
CA ASP A 232 5.39 9.50 -10.39
C ASP A 232 6.53 9.83 -11.34
N ILE A 233 6.62 9.12 -12.49
CA ILE A 233 7.59 9.40 -13.54
C ILE A 233 7.30 10.80 -14.09
N LEU A 234 6.01 11.11 -14.33
CA LEU A 234 5.54 12.41 -14.80
C LEU A 234 5.92 13.52 -13.82
N PHE A 235 5.77 13.31 -12.49
CA PHE A 235 6.12 14.34 -11.51
C PHE A 235 7.63 14.52 -11.46
N MET A 236 8.40 13.42 -11.44
CA MET A 236 9.86 13.53 -11.46
C MET A 236 10.36 14.24 -12.74
N PHE A 237 9.68 14.00 -13.87
CA PHE A 237 9.97 14.61 -15.16
C PHE A 237 9.64 16.11 -15.15
N GLN A 238 8.61 16.50 -14.39
CA GLN A 238 8.21 17.90 -14.28
C GLN A 238 9.09 18.70 -13.32
N HIS A 239 9.39 18.16 -12.12
CA HIS A 239 10.21 18.87 -11.12
C HIS A 239 11.69 18.96 -11.45
N TYR A 240 12.17 18.15 -12.42
CA TYR A 240 13.60 18.15 -12.74
C TYR A 240 13.94 18.40 -14.21
N VAL A 241 13.12 17.90 -15.15
CA VAL A 241 13.41 18.09 -16.58
C VAL A 241 12.65 19.28 -17.23
N LEU A 242 11.31 19.28 -17.10
CA LEU A 242 10.43 20.28 -17.72
C LEU A 242 10.57 21.72 -17.23
N TYR A 243 10.58 21.95 -15.90
CA TYR A 243 10.62 23.32 -15.42
C TYR A 243 11.92 23.68 -14.64
N PRO A 244 12.19 23.21 -13.40
CA PRO A 244 13.42 23.65 -12.71
C PRO A 244 14.64 22.82 -13.05
N GLN B 1 -8.47 -31.65 2.68
CA GLN B 1 -7.59 -32.74 3.13
C GLN B 1 -7.14 -33.68 2.00
N VAL B 2 -5.82 -33.80 1.84
CA VAL B 2 -5.17 -34.60 0.83
C VAL B 2 -4.45 -35.79 1.49
N GLN B 3 -4.69 -36.99 0.98
CA GLN B 3 -4.05 -38.22 1.45
C GLN B 3 -2.85 -38.50 0.53
N LEU B 4 -1.66 -38.77 1.10
CA LEU B 4 -0.46 -39.14 0.33
C LEU B 4 -0.07 -40.59 0.68
N VAL B 5 -0.12 -41.52 -0.27
CA VAL B 5 0.19 -42.93 0.02
C VAL B 5 1.43 -43.40 -0.70
N GLU B 6 2.53 -43.66 0.06
CA GLU B 6 3.80 -44.18 -0.46
C GLU B 6 3.76 -45.68 -0.75
N SER B 7 4.69 -46.14 -1.58
CA SER B 7 4.86 -47.53 -1.99
C SER B 7 6.29 -47.78 -2.46
N GLY B 8 6.72 -49.03 -2.43
CA GLY B 8 8.03 -49.39 -2.96
C GLY B 8 9.12 -49.70 -1.97
N GLY B 9 8.89 -49.39 -0.70
CA GLY B 9 9.88 -49.63 0.35
C GLY B 9 10.21 -51.10 0.55
N GLY B 10 11.44 -51.35 0.97
CA GLY B 10 11.88 -52.72 1.22
C GLY B 10 13.38 -52.82 1.40
N LEU B 11 13.86 -54.05 1.52
CA LEU B 11 15.27 -54.34 1.70
C LEU B 11 15.94 -54.38 0.32
N VAL B 12 17.12 -53.76 0.19
CA VAL B 12 17.91 -53.75 -1.04
C VAL B 12 19.39 -53.82 -0.69
N GLN B 13 20.21 -54.45 -1.54
CA GLN B 13 21.65 -54.52 -1.30
C GLN B 13 22.34 -53.18 -1.67
N ALA B 14 23.52 -52.91 -1.08
CA ALA B 14 24.26 -51.66 -1.35
C ALA B 14 24.68 -51.63 -2.81
N GLY B 15 24.38 -50.54 -3.49
CA GLY B 15 24.69 -50.40 -4.91
C GLY B 15 23.53 -50.73 -5.84
N GLY B 16 22.38 -51.09 -5.28
CA GLY B 16 21.22 -51.45 -6.07
C GLY B 16 20.24 -50.32 -6.30
N SER B 17 19.04 -50.68 -6.79
CA SER B 17 17.99 -49.74 -7.08
C SER B 17 16.69 -50.05 -6.38
N LEU B 18 15.93 -49.02 -6.10
CA LEU B 18 14.62 -49.11 -5.50
C LEU B 18 13.84 -47.94 -6.05
N ARG B 19 12.59 -48.18 -6.45
CA ARG B 19 11.75 -47.11 -6.95
C ARG B 19 10.48 -46.90 -6.08
N LEU B 20 10.40 -45.72 -5.44
CA LEU B 20 9.24 -45.36 -4.63
C LEU B 20 8.20 -44.60 -5.46
N SER B 21 6.93 -44.80 -5.12
CA SER B 21 5.77 -44.15 -5.73
C SER B 21 4.92 -43.53 -4.64
N CYS B 22 4.18 -42.48 -4.97
CA CYS B 22 3.31 -41.83 -4.01
C CYS B 22 2.03 -41.42 -4.71
N ALA B 23 0.89 -41.95 -4.29
CA ALA B 23 -0.39 -41.60 -4.91
C ALA B 23 -1.05 -40.48 -4.10
N ALA B 24 -1.42 -39.37 -4.76
CA ALA B 24 -2.09 -38.25 -4.11
C ALA B 24 -3.58 -38.21 -4.50
N SER B 25 -4.44 -37.95 -3.51
CA SER B 25 -5.87 -37.91 -3.72
C SER B 25 -6.55 -37.10 -2.58
N GLY B 26 -7.85 -36.81 -2.73
CA GLY B 26 -8.62 -36.07 -1.75
C GLY B 26 -9.40 -34.92 -2.36
N ARG B 27 -10.36 -34.39 -1.60
CA ARG B 27 -11.21 -33.28 -2.03
C ARG B 27 -10.38 -31.98 -2.00
N THR B 28 -10.28 -31.24 -3.13
CA THR B 28 -9.44 -30.04 -3.16
C THR B 28 -10.03 -28.88 -3.96
N ILE B 29 -9.74 -27.63 -3.53
CA ILE B 29 -10.21 -26.44 -4.23
C ILE B 29 -9.35 -26.21 -5.53
N THR B 30 -8.08 -26.65 -5.51
CA THR B 30 -7.21 -26.60 -6.67
C THR B 30 -6.84 -28.01 -7.08
N PRO B 31 -6.67 -28.28 -8.39
CA PRO B 31 -6.33 -29.66 -8.80
C PRO B 31 -5.00 -30.10 -8.22
N ILE B 32 -4.92 -31.38 -7.85
CA ILE B 32 -3.71 -31.90 -7.24
C ILE B 32 -2.53 -31.92 -8.24
N SER B 33 -2.81 -31.88 -9.55
CA SER B 33 -1.77 -31.78 -10.56
C SER B 33 -1.04 -30.42 -10.52
N THR B 34 -1.60 -29.41 -9.82
CA THR B 34 -0.98 -28.10 -9.64
C THR B 34 -0.20 -27.97 -8.29
N TYR B 35 0.00 -29.09 -7.57
CA TYR B 35 0.71 -29.11 -6.29
C TYR B 35 2.18 -29.35 -6.46
N VAL B 36 3.00 -28.81 -5.55
CA VAL B 36 4.41 -29.12 -5.49
C VAL B 36 4.43 -30.52 -4.84
N MET B 37 5.26 -31.45 -5.36
CA MET B 37 5.41 -32.76 -4.74
C MET B 37 6.86 -33.05 -4.46
N GLY B 38 7.12 -33.83 -3.42
CA GLY B 38 8.47 -34.15 -3.02
C GLY B 38 8.60 -35.32 -2.07
N TRP B 39 9.82 -35.55 -1.66
CA TRP B 39 10.23 -36.62 -0.79
C TRP B 39 11.15 -36.08 0.29
N PHE B 40 10.99 -36.65 1.47
CA PHE B 40 11.77 -36.38 2.68
C PHE B 40 12.15 -37.76 3.27
N ARG B 41 13.16 -37.79 4.13
CA ARG B 41 13.52 -39.04 4.79
C ARG B 41 13.87 -38.80 6.25
N GLN B 42 13.81 -39.86 7.06
CA GLN B 42 14.10 -39.70 8.47
C GLN B 42 14.78 -40.93 9.12
N ASP B 43 15.81 -40.66 9.93
CA ASP B 43 16.56 -41.67 10.69
C ASP B 43 16.08 -41.59 12.12
N PRO B 44 16.01 -42.72 12.87
CA PRO B 44 15.45 -42.71 14.24
C PRO B 44 15.42 -41.35 15.01
N GLY B 45 16.37 -40.98 15.85
CA GLY B 45 16.24 -39.75 16.63
C GLY B 45 16.59 -38.44 15.96
N LYS B 46 16.44 -38.37 14.64
CA LYS B 46 16.81 -37.19 13.86
C LYS B 46 15.60 -36.50 13.24
N GLU B 47 15.80 -35.24 12.86
CA GLU B 47 14.80 -34.45 12.21
C GLU B 47 14.67 -34.94 10.78
N ARG B 48 13.45 -34.88 10.22
CA ARG B 48 13.12 -35.18 8.81
C ARG B 48 14.03 -34.33 7.91
N GLU B 49 14.53 -34.88 6.80
CA GLU B 49 15.41 -34.10 5.93
C GLU B 49 14.99 -34.16 4.47
N PHE B 50 15.11 -33.01 3.77
CA PHE B 50 14.74 -32.89 2.36
C PHE B 50 15.46 -33.94 1.51
N VAL B 51 14.77 -34.48 0.48
CA VAL B 51 15.37 -35.43 -0.44
C VAL B 51 15.24 -34.89 -1.90
N ALA B 52 14.02 -34.68 -2.37
CA ALA B 52 13.79 -34.22 -3.74
C ALA B 52 12.42 -33.56 -3.86
N SER B 53 12.26 -32.69 -4.85
CA SER B 53 11.00 -32.02 -5.11
C SER B 53 10.88 -31.70 -6.61
N ILE B 54 9.63 -31.64 -7.11
CA ILE B 54 9.31 -31.37 -8.50
C ILE B 54 8.10 -30.41 -8.64
N SER B 55 8.31 -29.33 -9.40
CA SER B 55 7.26 -28.35 -9.67
C SER B 55 6.08 -28.99 -10.46
N TRP B 56 4.87 -28.38 -10.42
CA TRP B 56 3.72 -28.92 -11.14
C TRP B 56 3.92 -28.86 -12.66
N ASN B 57 4.72 -27.90 -13.15
CA ASN B 57 5.05 -27.84 -14.57
C ASN B 57 6.07 -28.95 -15.01
N GLY B 58 6.77 -29.54 -14.02
CA GLY B 58 7.73 -30.62 -14.22
C GLY B 58 9.12 -30.17 -14.65
N ALA B 59 9.35 -28.85 -14.72
CA ALA B 59 10.61 -28.29 -15.17
C ALA B 59 11.60 -27.99 -14.08
N ASN B 60 11.14 -27.80 -12.84
CA ASN B 60 12.03 -27.45 -11.74
C ASN B 60 12.15 -28.55 -10.72
N THR B 61 13.29 -29.26 -10.70
CA THR B 61 13.52 -30.30 -9.71
C THR B 61 14.61 -29.85 -8.75
N TYR B 62 14.48 -30.21 -7.48
CA TYR B 62 15.46 -29.86 -6.46
C TYR B 62 15.87 -31.10 -5.70
N TYR B 63 17.16 -31.19 -5.36
CA TYR B 63 17.70 -32.34 -4.65
C TYR B 63 18.57 -31.95 -3.48
N ALA B 64 18.64 -32.84 -2.50
CA ALA B 64 19.53 -32.70 -1.38
C ALA B 64 20.93 -33.02 -1.93
N ASP B 65 21.95 -32.31 -1.44
CA ASP B 65 23.31 -32.49 -1.91
C ASP B 65 23.80 -33.94 -1.78
N SER B 66 23.23 -34.73 -0.85
CA SER B 66 23.64 -36.13 -0.62
C SER B 66 23.07 -37.12 -1.62
N VAL B 67 21.89 -36.83 -2.18
CA VAL B 67 21.27 -37.76 -3.14
C VAL B 67 21.43 -37.32 -4.59
N LYS B 68 21.88 -36.07 -4.82
CA LYS B 68 22.10 -35.48 -6.12
C LYS B 68 22.90 -36.39 -7.02
N GLY B 69 22.34 -36.68 -8.17
CA GLY B 69 23.00 -37.53 -9.16
C GLY B 69 22.67 -39.01 -9.14
N ARG B 70 22.05 -39.51 -8.04
CA ARG B 70 21.70 -40.94 -7.89
C ARG B 70 20.17 -41.13 -7.82
N PHE B 71 19.50 -40.19 -7.17
CA PHE B 71 18.05 -40.20 -7.06
C PHE B 71 17.47 -39.27 -8.11
N THR B 72 16.43 -39.70 -8.82
CA THR B 72 15.73 -38.91 -9.84
C THR B 72 14.24 -38.81 -9.48
N ILE B 73 13.71 -37.59 -9.41
CA ILE B 73 12.30 -37.38 -9.14
C ILE B 73 11.60 -37.09 -10.46
N SER B 74 10.42 -37.65 -10.61
CA SER B 74 9.53 -37.44 -11.75
C SER B 74 8.08 -37.50 -11.24
N ARG B 75 7.13 -37.00 -12.03
CA ARG B 75 5.72 -37.04 -11.66
C ARG B 75 4.85 -37.38 -12.86
N ASP B 76 3.63 -37.86 -12.59
CA ASP B 76 2.64 -38.15 -13.63
C ASP B 76 1.34 -37.45 -13.22
N ASN B 77 1.06 -36.26 -13.78
CA ASN B 77 -0.13 -35.46 -13.46
C ASN B 77 -1.45 -36.07 -13.90
N ALA B 78 -1.42 -37.09 -14.76
CA ALA B 78 -2.64 -37.80 -15.14
C ALA B 78 -3.03 -38.83 -14.05
N LYS B 79 -2.06 -39.22 -13.17
CA LYS B 79 -2.24 -40.20 -12.09
C LYS B 79 -2.14 -39.58 -10.71
N ASN B 80 -1.63 -38.34 -10.61
CA ASN B 80 -1.37 -37.65 -9.35
C ASN B 80 -0.35 -38.45 -8.55
N THR B 81 0.72 -38.88 -9.24
CA THR B 81 1.74 -39.73 -8.67
C THR B 81 3.11 -39.08 -8.80
N VAL B 82 3.91 -39.21 -7.76
CA VAL B 82 5.28 -38.71 -7.73
C VAL B 82 6.17 -39.93 -7.46
N TYR B 83 7.33 -39.99 -8.14
CA TYR B 83 8.24 -41.12 -8.07
C TYR B 83 9.63 -40.72 -7.63
N LEU B 84 10.35 -41.66 -7.02
CA LEU B 84 11.74 -41.43 -6.63
C LEU B 84 12.52 -42.67 -7.05
N GLN B 85 13.29 -42.53 -8.12
CA GLN B 85 14.12 -43.59 -8.59
C GLN B 85 15.41 -43.45 -7.81
N MET B 86 15.70 -44.40 -6.93
CA MET B 86 16.91 -44.36 -6.15
C MET B 86 17.91 -45.38 -6.71
N ASN B 87 18.99 -44.91 -7.35
CA ASN B 87 20.05 -45.78 -7.88
C ASN B 87 21.32 -45.59 -7.05
N SER B 88 22.29 -46.49 -7.18
CA SER B 88 23.54 -46.40 -6.43
C SER B 88 23.33 -46.28 -4.93
N LEU B 89 22.37 -47.04 -4.38
CA LEU B 89 22.02 -47.01 -2.96
C LEU B 89 23.22 -47.26 -2.01
N LYS B 90 23.22 -46.55 -0.88
CA LYS B 90 24.27 -46.66 0.13
C LYS B 90 23.60 -47.06 1.45
N PRO B 91 24.32 -47.73 2.38
CA PRO B 91 23.69 -48.11 3.66
C PRO B 91 23.12 -46.91 4.44
N GLU B 92 23.75 -45.74 4.28
CA GLU B 92 23.35 -44.48 4.91
C GLU B 92 21.94 -44.04 4.45
N ASP B 93 21.51 -44.46 3.24
CA ASP B 93 20.20 -44.18 2.67
C ASP B 93 19.06 -44.90 3.40
N THR B 94 19.36 -45.84 4.31
CA THR B 94 18.35 -46.50 5.14
C THR B 94 17.65 -45.46 6.00
N ALA B 95 16.34 -45.29 5.78
CA ALA B 95 15.50 -44.31 6.44
C ALA B 95 14.01 -44.56 6.05
N VAL B 96 13.07 -43.85 6.69
CA VAL B 96 11.66 -43.84 6.31
C VAL B 96 11.55 -42.72 5.31
N TYR B 97 11.03 -43.00 4.14
CA TYR B 97 10.85 -42.01 3.09
C TYR B 97 9.40 -41.61 3.07
N TYR B 98 9.18 -40.29 3.33
CA TYR B 98 7.90 -39.64 3.35
C TYR B 98 7.65 -38.87 2.05
N CYS B 99 6.47 -39.04 1.51
CA CYS B 99 5.97 -38.25 0.42
C CYS B 99 5.46 -36.93 1.05
N ALA B 100 5.63 -35.83 0.32
N ALA B 100 5.63 -35.83 0.32
CA ALA B 100 5.22 -34.51 0.79
CA ALA B 100 5.22 -34.51 0.79
C ALA B 100 4.60 -33.74 -0.36
C ALA B 100 4.60 -33.74 -0.36
N ALA B 101 3.66 -32.85 -0.05
CA ALA B 101 2.98 -32.06 -1.07
C ALA B 101 2.59 -30.70 -0.51
N ASP B 102 2.46 -29.71 -1.37
CA ASP B 102 2.00 -28.39 -0.98
C ASP B 102 1.15 -27.78 -2.09
N PRO B 103 -0.05 -27.25 -1.76
CA PRO B 103 -0.89 -26.65 -2.81
C PRO B 103 -0.36 -25.34 -3.45
N GLU B 104 0.59 -24.63 -2.82
CA GLU B 104 1.02 -23.34 -3.40
C GLU B 104 2.52 -22.97 -3.33
N SER B 105 3.27 -23.46 -2.33
CA SER B 105 4.63 -23.01 -2.15
C SER B 105 5.71 -24.04 -2.31
N HIS B 106 6.62 -23.83 -3.27
CA HIS B 106 7.80 -24.65 -3.45
C HIS B 106 8.82 -24.27 -2.32
N VAL B 107 8.86 -22.99 -1.86
CA VAL B 107 9.74 -22.62 -0.74
C VAL B 107 9.36 -23.43 0.52
N ARG B 108 8.06 -23.44 0.91
CA ARG B 108 7.58 -24.16 2.08
C ARG B 108 7.80 -25.65 1.99
N LEU B 109 7.62 -26.24 0.81
CA LEU B 109 7.84 -27.68 0.67
C LEU B 109 9.33 -28.03 0.82
N ARG B 110 10.22 -27.21 0.23
CA ARG B 110 11.68 -27.37 0.31
C ARG B 110 12.17 -27.15 1.73
N LEU B 111 11.59 -26.18 2.44
CA LEU B 111 11.93 -25.87 3.82
C LEU B 111 11.41 -26.92 4.84
N GLY B 112 10.58 -27.85 4.41
CA GLY B 112 10.02 -28.85 5.32
C GLY B 112 8.77 -28.46 6.06
N VAL B 113 8.18 -27.32 5.69
CA VAL B 113 6.95 -26.79 6.28
C VAL B 113 5.75 -26.89 5.32
N GLY B 114 5.77 -27.93 4.49
CA GLY B 114 4.72 -28.25 3.51
C GLY B 114 3.45 -28.68 4.19
N ALA B 115 2.33 -28.52 3.51
CA ALA B 115 1.03 -28.82 4.10
C ALA B 115 0.75 -30.30 4.32
N TYR B 116 1.10 -31.15 3.35
CA TYR B 116 0.70 -32.55 3.41
C TYR B 116 1.86 -33.53 3.50
N TRP B 117 1.67 -34.61 4.25
CA TRP B 117 2.67 -35.63 4.46
C TRP B 117 2.07 -37.01 4.39
N GLY B 118 2.84 -37.95 3.85
CA GLY B 118 2.42 -39.34 3.86
C GLY B 118 2.81 -39.99 5.18
N ARG B 119 2.48 -41.29 5.37
CA ARG B 119 2.79 -42.03 6.61
C ARG B 119 4.25 -42.52 6.70
N GLY B 120 4.90 -42.60 5.55
CA GLY B 120 6.26 -43.07 5.41
C GLY B 120 6.38 -44.50 4.90
N THR B 121 7.48 -44.77 4.21
CA THR B 121 7.83 -46.10 3.75
C THR B 121 9.29 -46.39 4.17
N GLN B 122 9.51 -47.45 4.99
CA GLN B 122 10.85 -47.84 5.42
CA GLN B 122 10.85 -47.86 5.43
C GLN B 122 11.63 -48.43 4.23
N VAL B 123 12.84 -47.94 4.04
CA VAL B 123 13.75 -48.38 3.00
C VAL B 123 15.00 -48.89 3.76
N THR B 124 15.41 -50.14 3.50
CA THR B 124 16.56 -50.72 4.21
C THR B 124 17.68 -51.09 3.24
N VAL B 125 18.91 -50.62 3.51
CA VAL B 125 20.04 -50.90 2.63
C VAL B 125 21.08 -51.80 3.32
N SER B 126 21.20 -53.05 2.85
CA SER B 126 22.13 -54.03 3.41
C SER B 126 23.57 -53.85 2.88
N SER B 127 24.53 -54.68 3.35
CA SER B 127 25.91 -54.56 2.92
C SER B 127 26.44 -55.82 2.20
N GLN C 1 -15.66 29.55 0.34
CA GLN C 1 -14.90 30.77 0.14
C GLN C 1 -14.38 31.27 1.51
N VAL C 2 -13.45 32.20 1.50
CA VAL C 2 -12.88 32.73 2.72
C VAL C 2 -12.99 34.21 2.65
N GLN C 3 -13.47 34.78 3.74
CA GLN C 3 -13.61 36.20 3.88
C GLN C 3 -12.67 36.65 4.96
N LEU C 4 -11.86 37.69 4.68
CA LEU C 4 -10.90 38.25 5.64
C LEU C 4 -11.19 39.72 5.84
N VAL C 5 -11.33 40.13 7.10
CA VAL C 5 -11.65 41.51 7.44
C VAL C 5 -10.58 42.13 8.37
N GLU C 6 -9.83 43.15 7.86
CA GLU C 6 -8.77 43.87 8.60
C GLU C 6 -9.26 45.04 9.52
N SER C 7 -8.64 45.16 10.71
CA SER C 7 -8.90 46.14 11.76
C SER C 7 -7.56 46.70 12.26
N GLY C 8 -7.62 47.88 12.87
CA GLY C 8 -6.44 48.51 13.45
C GLY C 8 -5.72 49.39 12.47
N GLY C 9 -4.66 50.01 12.94
CA GLY C 9 -3.91 50.92 12.10
C GLY C 9 -4.15 52.39 12.36
N GLY C 10 -4.15 53.14 11.27
CA GLY C 10 -4.21 54.58 11.31
C GLY C 10 -2.79 55.10 11.50
N SER C 11 -2.67 56.23 12.19
CA SER C 11 -1.40 56.88 12.43
C SER C 11 -0.69 56.46 13.71
N ALA C 12 0.64 56.57 13.66
CA ALA C 12 1.55 56.31 14.76
C ALA C 12 2.83 57.15 14.59
N GLN C 13 3.52 57.41 15.70
CA GLN C 13 4.77 58.14 15.67
C GLN C 13 5.91 57.16 15.57
N PRO C 14 7.08 57.59 15.05
CA PRO C 14 8.25 56.70 15.02
C PRO C 14 8.61 56.25 16.43
N GLY C 15 8.74 54.95 16.63
CA GLY C 15 9.00 54.39 17.96
C GLY C 15 7.75 53.85 18.63
N GLY C 16 6.57 54.24 18.13
CA GLY C 16 5.27 53.82 18.65
C GLY C 16 4.87 52.41 18.26
N SER C 17 3.66 52.00 18.66
CA SER C 17 3.19 50.65 18.41
C SER C 17 1.68 50.56 18.07
N LEU C 18 1.33 49.56 17.25
CA LEU C 18 -0.02 49.34 16.71
C LEU C 18 -0.28 47.83 16.64
N ARG C 19 -1.51 47.39 16.92
CA ARG C 19 -1.88 45.99 16.78
C ARG C 19 -2.94 45.83 15.71
N LEU C 20 -2.64 44.97 14.70
CA LEU C 20 -3.55 44.71 13.61
C LEU C 20 -4.37 43.45 13.87
N SER C 21 -5.58 43.40 13.33
CA SER C 21 -6.47 42.27 13.49
C SER C 21 -7.09 41.85 12.18
N CYS C 22 -7.24 40.53 11.99
CA CYS C 22 -7.87 40.02 10.80
C CYS C 22 -8.88 38.93 11.18
N ALA C 23 -10.17 39.18 10.94
CA ALA C 23 -11.20 38.20 11.28
C ALA C 23 -11.33 37.25 10.11
N VAL C 24 -11.18 35.96 10.37
CA VAL C 24 -11.26 34.93 9.35
C VAL C 24 -12.63 34.29 9.33
N SER C 25 -13.22 34.23 8.14
CA SER C 25 -14.55 33.68 7.94
C SER C 25 -14.52 32.64 6.82
N GLY C 26 -15.34 31.61 6.91
CA GLY C 26 -15.42 30.60 5.86
C GLY C 26 -14.68 29.30 6.11
N SER C 27 -14.53 28.48 5.07
CA SER C 27 -13.87 27.19 5.21
C SER C 27 -13.22 26.68 3.92
N VAL C 28 -12.14 25.88 4.10
CA VAL C 28 -11.35 25.21 3.07
C VAL C 28 -11.15 23.71 3.43
N SER C 29 -10.67 22.89 2.51
CA SER C 29 -10.30 21.49 2.79
C SER C 29 -9.01 21.44 3.61
N GLU C 30 -8.08 22.39 3.36
CA GLU C 30 -6.76 22.42 3.93
C GLU C 30 -6.29 23.86 4.05
N LEU C 31 -5.89 24.26 5.27
CA LEU C 31 -5.32 25.57 5.55
C LEU C 31 -3.82 25.36 5.35
N ASN C 32 -3.19 26.25 4.60
CA ASN C 32 -1.77 26.14 4.30
C ASN C 32 -0.93 27.15 5.05
N THR C 33 -1.31 28.44 4.98
CA THR C 33 -0.63 29.54 5.67
C THR C 33 -1.62 30.65 6.07
N MET C 34 -1.25 31.45 7.07
CA MET C 34 -1.97 32.65 7.46
C MET C 34 -0.91 33.74 7.57
N GLY C 35 -1.09 34.90 6.94
CA GLY C 35 -0.07 35.94 6.97
C GLY C 35 -0.48 37.38 6.79
N TRP C 36 0.53 38.25 6.63
CA TRP C 36 0.33 39.68 6.39
C TRP C 36 1.30 40.13 5.30
N PHE C 37 0.78 40.83 4.28
CA PHE C 37 1.47 41.49 3.17
C PHE C 37 1.30 43.00 3.39
N ARG C 38 2.11 43.82 2.71
CA ARG C 38 1.94 45.27 2.77
C ARG C 38 2.38 45.89 1.45
N GLN C 39 1.72 47.00 1.07
CA GLN C 39 2.13 47.71 -0.13
C GLN C 39 2.28 49.19 0.12
N ALA C 40 3.54 49.68 0.04
CA ALA C 40 3.90 51.10 0.14
C ALA C 40 3.38 51.77 -1.13
N PRO C 41 3.03 53.07 -1.08
CA PRO C 41 2.49 53.72 -2.30
C PRO C 41 3.32 53.52 -3.57
N GLY C 42 2.68 53.05 -4.64
CA GLY C 42 3.33 52.82 -5.93
C GLY C 42 4.39 51.73 -5.98
N LYS C 43 4.48 50.92 -4.92
CA LYS C 43 5.47 49.87 -4.83
C LYS C 43 4.80 48.50 -5.09
N GLN C 44 5.43 47.40 -4.70
CA GLN C 44 4.86 46.09 -4.86
C GLN C 44 4.60 45.45 -3.48
N ARG C 45 3.88 44.34 -3.46
CA ARG C 45 3.61 43.58 -2.24
C ARG C 45 4.93 43.19 -1.53
N GLU C 46 4.89 43.15 -0.22
CA GLU C 46 6.00 42.71 0.59
C GLU C 46 5.42 41.86 1.69
N LEU C 47 5.77 40.58 1.74
CA LEU C 47 5.32 39.68 2.80
C LEU C 47 5.95 40.14 4.10
N VAL C 48 5.16 40.46 5.09
CA VAL C 48 5.65 40.91 6.39
C VAL C 48 5.88 39.73 7.37
N ALA C 49 4.87 38.88 7.55
CA ALA C 49 4.93 37.73 8.45
C ALA C 49 4.00 36.63 7.96
N ARG C 50 4.26 35.38 8.35
CA ARG C 50 3.43 34.26 7.97
C ARG C 50 3.52 33.12 8.98
N ILE C 51 2.41 32.44 9.27
CA ILE C 51 2.42 31.26 10.09
C ILE C 51 2.09 30.06 9.17
N THR C 52 2.94 29.02 9.19
CA THR C 52 2.72 27.82 8.39
C THR C 52 1.76 26.93 9.15
N ALA C 53 0.58 26.66 8.57
CA ALA C 53 -0.47 25.94 9.26
C ALA C 53 -0.16 24.48 9.56
N THR C 54 0.75 23.86 8.79
CA THR C 54 1.12 22.46 9.05
C THR C 54 2.09 22.32 10.21
N SER C 55 2.88 23.37 10.51
CA SER C 55 3.93 23.25 11.51
C SER C 55 3.86 24.24 12.67
N ASP C 56 3.13 25.34 12.51
CA ASP C 56 3.01 26.47 13.45
C ASP C 56 4.23 27.43 13.42
N ALA C 57 5.11 27.25 12.43
CA ALA C 57 6.32 28.03 12.24
C ALA C 57 5.97 29.44 11.84
N THR C 58 6.62 30.42 12.48
CA THR C 58 6.41 31.82 12.14
C THR C 58 7.62 32.35 11.39
N ASN C 59 7.38 33.04 10.28
CA ASN C 59 8.44 33.58 9.43
C ASN C 59 8.18 35.08 9.24
N TYR C 60 9.25 35.88 9.17
CA TYR C 60 9.13 37.32 9.03
C TYR C 60 10.06 37.87 7.98
N ALA C 61 9.75 39.05 7.46
CA ALA C 61 10.63 39.77 6.54
C ALA C 61 11.82 40.28 7.38
N ASP C 62 13.01 40.42 6.78
CA ASP C 62 14.20 40.85 7.53
C ASP C 62 14.08 42.27 8.07
N SER C 63 13.38 43.15 7.35
CA SER C 63 13.21 44.55 7.77
C SER C 63 12.31 44.71 9.02
N VAL C 64 11.51 43.69 9.36
CA VAL C 64 10.60 43.74 10.50
C VAL C 64 10.93 42.72 11.61
N LYS C 65 11.92 41.87 11.41
CA LYS C 65 12.30 40.85 12.37
C LYS C 65 12.71 41.46 13.71
N GLY C 66 12.05 41.02 14.77
CA GLY C 66 12.29 41.51 16.12
C GLY C 66 11.38 42.65 16.54
N ARG C 67 10.66 43.24 15.60
CA ARG C 67 9.76 44.37 15.87
C ARG C 67 8.29 43.97 15.66
N PHE C 68 8.05 43.13 14.67
CA PHE C 68 6.70 42.69 14.35
C PHE C 68 6.51 41.22 14.78
N THR C 69 5.29 40.88 15.25
CA THR C 69 4.92 39.53 15.70
C THR C 69 3.53 39.12 15.21
N ILE C 70 3.48 38.03 14.45
CA ILE C 70 2.22 37.47 13.99
C ILE C 70 1.74 36.46 15.03
N SER C 71 0.45 36.43 15.28
CA SER C 71 -0.14 35.50 16.25
C SER C 71 -1.60 35.16 15.85
N ARG C 72 -2.24 34.23 16.57
CA ARG C 72 -3.61 33.85 16.26
C ARG C 72 -4.37 33.40 17.50
N ASP C 73 -5.71 33.25 17.40
CA ASP C 73 -6.46 32.66 18.52
C ASP C 73 -6.45 31.11 18.38
N ASN C 74 -6.77 30.35 19.45
CA ASN C 74 -6.71 28.87 19.38
C ASN C 74 -7.43 28.24 18.17
N GLY C 75 -8.59 28.79 17.80
CA GLY C 75 -9.40 28.22 16.72
C GLY C 75 -9.13 28.68 15.29
N TRP C 76 -8.01 29.38 15.07
CA TRP C 76 -7.61 29.92 13.76
C TRP C 76 -8.68 30.85 13.15
N ASN C 77 -9.39 31.60 14.02
CA ASN C 77 -10.44 32.54 13.65
C ASN C 77 -9.95 33.97 13.50
N THR C 78 -8.83 34.31 14.11
CA THR C 78 -8.28 35.65 14.06
C THR C 78 -6.77 35.58 13.96
N VAL C 79 -6.16 36.45 13.15
CA VAL C 79 -4.71 36.55 13.04
C VAL C 79 -4.30 38.01 13.39
N TYR C 80 -3.25 38.18 14.18
CA TYR C 80 -2.81 39.47 14.65
C TYR C 80 -1.46 39.87 14.11
N LEU C 81 -1.16 41.17 14.10
CA LEU C 81 0.16 41.67 13.76
C LEU C 81 0.53 42.73 14.81
N GLN C 82 1.48 42.41 15.71
CA GLN C 82 1.90 43.37 16.71
C GLN C 82 3.07 44.19 16.15
N SER C 83 2.78 45.40 15.63
CA SER C 83 3.72 46.33 15.00
C SER C 83 4.35 47.24 16.11
N ASN C 84 5.58 46.91 16.58
CA ASN C 84 6.31 47.67 17.62
C ASN C 84 7.50 48.44 17.03
N SER C 85 7.95 49.54 17.68
CA SER C 85 9.10 50.35 17.24
C SER C 85 8.92 50.81 15.81
N LEU C 86 7.74 51.34 15.51
CA LEU C 86 7.39 51.74 14.16
C LEU C 86 8.39 52.70 13.51
N LYS C 87 8.67 52.47 12.23
CA LYS C 87 9.57 53.31 11.44
C LYS C 87 8.79 53.97 10.28
N PRO C 88 9.18 55.17 9.79
CA PRO C 88 8.49 55.73 8.62
C PRO C 88 8.33 54.76 7.42
N GLU C 89 9.33 53.90 7.16
CA GLU C 89 9.30 52.88 6.11
C GLU C 89 8.24 51.80 6.31
N ASP C 90 7.64 51.73 7.50
CA ASP C 90 6.56 50.79 7.77
C ASP C 90 5.21 51.33 7.27
N SER C 91 5.14 52.58 6.75
CA SER C 91 3.89 53.12 6.23
C SER C 91 3.50 52.36 4.97
N ALA C 92 2.28 51.79 4.93
CA ALA C 92 1.74 51.00 3.83
C ALA C 92 0.27 50.58 4.10
N VAL C 93 -0.43 49.99 3.10
CA VAL C 93 -1.72 49.36 3.33
C VAL C 93 -1.33 47.92 3.70
N TYR C 94 -1.79 47.41 4.85
CA TYR C 94 -1.49 46.06 5.29
C TYR C 94 -2.66 45.16 4.95
N TYR C 95 -2.37 44.02 4.35
CA TYR C 95 -3.36 43.04 3.94
C TYR C 95 -3.13 41.71 4.61
N CYS C 96 -4.18 41.17 5.18
CA CYS C 96 -4.15 39.87 5.81
C CYS C 96 -4.39 38.88 4.68
N ASN C 97 -3.58 37.84 4.68
CA ASN C 97 -3.64 36.81 3.65
C ASN C 97 -3.84 35.43 4.26
N VAL C 98 -4.57 34.54 3.54
CA VAL C 98 -4.78 33.14 3.96
C VAL C 98 -4.65 32.27 2.72
N GLU C 99 -3.85 31.21 2.79
CA GLU C 99 -3.72 30.27 1.67
C GLU C 99 -4.27 28.96 2.08
N GLY C 100 -5.12 28.41 1.25
CA GLY C 100 -5.76 27.14 1.52
C GLY C 100 -6.50 26.63 0.32
N ALA C 101 -6.87 25.35 0.33
CA ALA C 101 -7.53 24.75 -0.82
C ALA C 101 -9.02 24.58 -0.62
N PRO C 102 -9.88 25.16 -1.46
CA PRO C 102 -11.34 24.92 -1.32
C PRO C 102 -11.70 23.43 -1.34
N SER C 103 -11.01 22.68 -2.22
CA SER C 103 -11.22 21.26 -2.39
C SER C 103 -9.92 20.52 -2.80
N TRP C 104 -9.98 19.19 -2.90
CA TRP C 104 -8.84 18.39 -3.32
C TRP C 104 -8.51 18.68 -4.81
N PHE C 105 -9.54 18.89 -5.62
CA PHE C 105 -9.47 19.11 -7.05
C PHE C 105 -8.93 20.51 -7.41
N SER C 106 -9.23 21.55 -6.61
CA SER C 106 -8.70 22.88 -6.89
C SER C 106 -7.53 23.11 -5.98
N GLY C 107 -6.34 23.35 -6.51
CA GLY C 107 -5.15 23.56 -5.69
C GLY C 107 -5.31 24.59 -4.58
N ILE C 108 -4.19 25.05 -4.02
CA ILE C 108 -4.22 26.05 -2.98
C ILE C 108 -4.59 27.38 -3.64
N ARG C 109 -5.43 28.16 -2.97
CA ARG C 109 -5.89 29.48 -3.39
C ARG C 109 -5.42 30.52 -2.39
N SER C 110 -5.13 31.72 -2.85
CA SER C 110 -4.66 32.82 -2.02
C SER C 110 -5.80 33.82 -1.77
N TYR C 111 -6.13 34.09 -0.51
CA TYR C 111 -7.20 35.04 -0.17
C TYR C 111 -6.58 36.23 0.56
N TRP C 112 -7.08 37.44 0.31
CA TRP C 112 -6.66 38.65 1.00
C TRP C 112 -7.83 39.59 1.12
N GLY C 113 -7.80 40.45 2.13
CA GLY C 113 -8.87 41.41 2.33
C GLY C 113 -8.61 42.74 1.65
N GLN C 114 -9.41 43.76 1.98
CA GLN C 114 -9.26 45.08 1.37
C GLN C 114 -8.10 45.92 1.96
N GLY C 115 -7.57 45.50 3.11
CA GLY C 115 -6.43 46.09 3.82
C GLY C 115 -6.73 47.24 4.78
N THR C 116 -5.79 47.56 5.71
CA THR C 116 -5.85 48.74 6.64
C THR C 116 -4.61 49.59 6.42
N GLN C 117 -4.78 50.90 6.41
CA GLN C 117 -3.65 51.82 6.29
C GLN C 117 -2.92 51.94 7.64
N VAL C 118 -1.59 51.96 7.59
CA VAL C 118 -0.72 52.20 8.74
C VAL C 118 0.20 53.33 8.28
N THR C 119 0.17 54.52 8.93
CA THR C 119 1.11 55.58 8.50
C THR C 119 1.94 56.00 9.71
N VAL C 120 3.29 55.97 9.57
CA VAL C 120 4.21 56.33 10.64
C VAL C 120 4.94 57.60 10.25
N SER C 121 4.79 58.69 11.01
CA SER C 121 5.50 59.94 10.71
C SER C 121 5.59 60.81 11.93
N SER C 122 6.64 61.64 11.99
CA SER C 122 6.84 62.54 13.13
C SER C 122 5.94 63.75 12.99
#